data_3W1S
#
_entry.id   3W1S
#
_cell.length_a   72.149
_cell.length_b   106.084
_cell.length_c   143.071
_cell.angle_alpha   90.00
_cell.angle_beta   90.00
_cell.angle_gamma   90.00
#
_symmetry.space_group_name_H-M   'C 2 2 21'
#
loop_
_entity.id
_entity.type
_entity.pdbx_description
1 polymer 'Autophagy protein 5'
2 polymer 'Autophagy protein 16'
3 polymer 'Ubiquitin-like protein ATG12'
4 water water
#
loop_
_entity_poly.entity_id
_entity_poly.type
_entity_poly.pdbx_seq_one_letter_code
_entity_poly.pdbx_strand_id
1 'polypeptide(L)'
;MNDIKQLLWNGELNVLVSIDPSFLMKGSPREIAVLRIRVPRETYLVNYMPLIWNKIKSFLSFDPLTDSEKYFWFEHNKTP
IPWNYPVGVLFDCLAGKSATFTTSFENQVKDVLTFLRIHLVMGDSLPPTIIPIASSKTQAEKFWFHQWKQVCFILNGSSK
AIMSLSVNEARKFWGSVITRNFQDFIEISNKISSSRPRHIPLIIQTSRTSGTFRISQPTISMTGVNPTLKDIEGDILDVK
EGINGNDVMVICQGIEIPWHMLLYDLYSKLRSFDGFLYITLVPI
;
A
2 'polypeptide(L)' GPHMGNFIITERKKAKEERSNPQTDSMDDLLIRRLTDRNDKEAHLNELF B
3 'polypeptide(L)'
;GAHMNIQKIQIKFQPIGSIGQLKPSVCKISMSQSFAMVILFLKRRLKMDHVYCYINNSFAPSPQQNIGELWMQFKTNDEL
IVSYCASVAFG
;
C
#
# COMPACT_ATOMS: atom_id res chain seq x y z
N ASN A 2 15.50 -15.28 11.16
CA ASN A 2 14.82 -14.03 10.68
C ASN A 2 15.74 -13.15 9.81
N ASP A 3 16.64 -13.77 9.07
CA ASP A 3 17.60 -13.07 8.21
C ASP A 3 17.00 -12.20 7.13
N ILE A 4 16.20 -12.82 6.27
CA ILE A 4 15.54 -12.14 5.16
C ILE A 4 14.71 -10.94 5.61
N LYS A 5 13.77 -11.18 6.52
CA LYS A 5 12.91 -10.12 7.02
C LYS A 5 13.69 -8.98 7.64
N GLN A 6 14.80 -9.31 8.28
CA GLN A 6 15.66 -8.31 8.91
C GLN A 6 16.18 -7.40 7.80
N LEU A 7 16.54 -8.00 6.66
CA LEU A 7 17.04 -7.24 5.53
C LEU A 7 15.96 -6.35 4.94
N LEU A 8 14.72 -6.85 4.95
CA LEU A 8 13.61 -6.09 4.43
C LEU A 8 13.28 -4.91 5.34
N TRP A 9 13.41 -5.13 6.64
CA TRP A 9 13.14 -4.09 7.62
C TRP A 9 14.17 -2.98 7.54
N ASN A 10 15.36 -3.33 7.07
CA ASN A 10 16.46 -2.37 6.92
C ASN A 10 16.42 -1.62 5.59
N GLY A 11 15.66 -2.12 4.64
CA GLY A 11 15.56 -1.45 3.35
C GLY A 11 15.36 0.04 3.54
N GLU A 12 16.24 0.83 2.93
CA GLU A 12 16.15 2.28 3.06
C GLU A 12 16.56 2.96 1.75
N LEU A 13 15.83 4.02 1.39
CA LEU A 13 16.11 4.75 0.17
C LEU A 13 16.50 6.19 0.44
N ASN A 14 17.18 6.81 -0.53
CA ASN A 14 17.56 8.22 -0.43
C ASN A 14 16.35 8.97 -0.99
N VAL A 15 15.79 9.91 -0.24
CA VAL A 15 14.63 10.62 -0.77
C VAL A 15 14.87 12.11 -0.84
N LEU A 16 14.63 12.67 -2.01
CA LEU A 16 14.81 14.09 -2.21
C LEU A 16 13.47 14.78 -2.13
N VAL A 17 13.20 15.41 -1.01
CA VAL A 17 11.92 16.10 -0.92
C VAL A 17 12.04 17.59 -1.33
N SER A 18 11.29 17.95 -2.38
CA SER A 18 11.21 19.30 -2.92
C SER A 18 9.87 19.93 -2.53
N ILE A 19 9.94 21.07 -1.80
CA ILE A 19 8.76 21.80 -1.35
C ILE A 19 8.34 22.90 -2.35
N ASP A 20 7.21 22.69 -3.01
CA ASP A 20 6.68 23.66 -3.98
C ASP A 20 6.85 25.07 -3.41
N PRO A 21 6.91 26.07 -4.29
CA PRO A 21 7.07 27.44 -3.79
C PRO A 21 5.80 27.96 -3.13
N SER A 22 4.65 27.44 -3.57
CA SER A 22 3.37 27.87 -3.02
C SER A 22 3.35 27.67 -1.50
N PHE A 23 4.09 26.69 -1.01
CA PHE A 23 4.12 26.43 0.43
C PHE A 23 4.92 27.46 1.20
N LEU A 24 5.92 28.03 0.54
CA LEU A 24 6.79 28.99 1.20
C LEU A 24 6.59 30.44 0.82
N MET A 25 7.25 31.32 1.57
CA MET A 25 7.15 32.75 1.33
C MET A 25 8.22 33.25 0.40
N LYS A 26 7.81 34.13 -0.52
CA LYS A 26 8.71 34.71 -1.50
C LYS A 26 9.94 35.29 -0.80
N GLY A 27 11.09 34.67 -1.04
CA GLY A 27 12.32 35.15 -0.43
C GLY A 27 12.95 34.15 0.51
N SER A 28 12.17 33.17 0.98
CA SER A 28 12.69 32.16 1.89
C SER A 28 13.94 31.55 1.25
N PRO A 29 14.88 31.06 2.08
CA PRO A 29 16.12 30.46 1.57
C PRO A 29 15.93 29.16 0.79
N ARG A 30 17.02 28.73 0.16
CA ARG A 30 17.02 27.51 -0.64
C ARG A 30 16.87 26.25 0.21
N GLU A 31 17.64 26.17 1.29
CA GLU A 31 17.63 25.02 2.20
C GLU A 31 16.24 24.58 2.70
N ILE A 32 15.32 25.52 2.88
CA ILE A 32 13.98 25.19 3.38
C ILE A 32 13.17 24.41 2.35
N ALA A 33 13.34 24.79 1.10
CA ALA A 33 12.60 24.16 0.02
C ALA A 33 13.05 22.73 -0.33
N VAL A 34 14.25 22.31 0.07
CA VAL A 34 14.67 20.95 -0.27
C VAL A 34 15.16 20.06 0.89
N LEU A 35 14.43 18.97 1.13
CA LEU A 35 14.79 18.01 2.18
C LEU A 35 15.44 16.77 1.62
N ARG A 36 16.44 16.29 2.34
CA ARG A 36 17.17 15.10 1.93
C ARG A 36 17.03 14.15 3.10
N ILE A 37 16.42 13.01 2.85
CA ILE A 37 16.22 12.04 3.93
C ILE A 37 16.38 10.59 3.55
N ARG A 38 16.50 9.76 4.57
CA ARG A 38 16.63 8.33 4.44
C ARG A 38 15.30 7.74 4.90
N VAL A 39 14.48 7.31 3.95
CA VAL A 39 13.17 6.75 4.24
C VAL A 39 13.15 5.24 4.03
N PRO A 40 12.61 4.48 5.00
CA PRO A 40 12.54 3.02 4.91
C PRO A 40 11.63 2.57 3.76
N ARG A 41 11.82 1.35 3.30
CA ARG A 41 11.00 0.81 2.22
C ARG A 41 9.65 0.42 2.83
N GLU A 42 9.73 -0.12 4.04
CA GLU A 42 8.57 -0.60 4.78
C GLU A 42 7.92 0.45 5.69
N THR A 43 7.27 1.43 5.06
CA THR A 43 6.60 2.47 5.79
C THR A 43 5.91 3.33 4.77
N TYR A 44 5.18 4.35 5.23
CA TYR A 44 4.47 5.26 4.34
C TYR A 44 5.15 6.62 4.34
N LEU A 45 5.17 7.25 3.17
CA LEU A 45 5.74 8.58 3.04
C LEU A 45 5.12 9.51 4.08
N VAL A 46 3.79 9.48 4.17
CA VAL A 46 3.06 10.34 5.08
C VAL A 46 3.58 10.27 6.53
N ASN A 47 4.28 9.20 6.89
CA ASN A 47 4.81 9.09 8.24
C ASN A 47 5.99 10.02 8.46
N TYR A 48 6.41 10.71 7.40
CA TYR A 48 7.54 11.61 7.52
C TYR A 48 7.12 13.06 7.29
N MET A 49 5.81 13.29 7.20
CA MET A 49 5.31 14.64 7.02
C MET A 49 5.72 15.54 8.19
N PRO A 50 5.55 15.05 9.43
CA PRO A 50 5.93 15.88 10.58
C PRO A 50 7.34 16.45 10.41
N LEU A 51 8.25 15.61 9.95
CA LEU A 51 9.63 16.03 9.73
C LEU A 51 9.71 17.18 8.71
N ILE A 52 8.82 17.18 7.73
CA ILE A 52 8.80 18.24 6.73
C ILE A 52 8.21 19.52 7.27
N TRP A 53 7.17 19.41 8.10
CA TRP A 53 6.55 20.59 8.70
C TRP A 53 7.57 21.27 9.58
N ASN A 54 8.18 20.49 10.47
CA ASN A 54 9.19 21.00 11.38
C ASN A 54 10.25 21.81 10.64
N LYS A 55 10.70 21.33 9.49
CA LYS A 55 11.72 22.05 8.74
C LYS A 55 11.26 23.27 7.94
N ILE A 56 9.99 23.35 7.56
CA ILE A 56 9.53 24.48 6.75
C ILE A 56 8.46 25.35 7.39
N LYS A 57 8.07 25.05 8.63
CA LYS A 57 7.02 25.82 9.29
C LYS A 57 7.31 27.30 9.50
N SER A 58 8.58 27.64 9.68
CA SER A 58 8.96 29.03 9.90
C SER A 58 9.02 29.85 8.62
N PHE A 59 8.55 29.28 7.51
CA PHE A 59 8.56 29.97 6.22
C PHE A 59 7.26 29.77 5.44
N LEU A 60 6.25 29.22 6.09
CA LEU A 60 4.97 28.99 5.44
C LEU A 60 4.39 30.29 4.92
N SER A 61 3.79 30.23 3.74
CA SER A 61 3.18 31.40 3.12
C SER A 61 1.71 31.47 3.50
N PHE A 62 1.34 30.83 4.60
CA PHE A 62 -0.05 30.81 5.03
C PHE A 62 -0.15 30.32 6.47
N ASP A 63 -1.31 30.55 7.08
CA ASP A 63 -1.55 30.08 8.43
C ASP A 63 -2.25 28.75 8.25
N PRO A 64 -1.61 27.65 8.67
CA PRO A 64 -2.23 26.33 8.52
C PRO A 64 -3.33 26.03 9.51
N LEU A 65 -3.59 26.96 10.42
CA LEU A 65 -4.63 26.71 11.40
C LEU A 65 -6.04 27.05 10.94
N THR A 66 -6.17 28.14 10.19
CA THR A 66 -7.51 28.54 9.72
C THR A 66 -7.54 29.43 8.46
N ASP A 67 -6.39 29.66 7.83
CA ASP A 67 -6.32 30.52 6.63
C ASP A 67 -7.25 30.14 5.45
N SER A 68 -7.31 28.87 5.07
CA SER A 68 -8.21 28.42 4.01
C SER A 68 -8.05 26.92 3.88
N GLU A 69 -8.81 26.32 2.97
CA GLU A 69 -8.67 24.89 2.78
C GLU A 69 -8.09 24.58 1.41
N LYS A 70 -6.94 23.92 1.44
CA LYS A 70 -6.24 23.51 0.24
C LYS A 70 -5.93 22.03 0.49
N TYR A 71 -5.54 21.30 -0.55
CA TYR A 71 -5.18 19.91 -0.36
C TYR A 71 -3.69 19.77 -0.55
N PHE A 72 -3.10 18.81 0.14
CA PHE A 72 -1.69 18.57 0.04
C PHE A 72 -1.51 17.14 -0.43
N TRP A 73 -0.50 16.92 -1.26
CA TRP A 73 -0.21 15.59 -1.76
C TRP A 73 1.17 15.56 -2.40
N PHE A 74 1.73 14.35 -2.54
CA PHE A 74 3.04 14.17 -3.14
C PHE A 74 2.91 13.98 -4.64
N GLU A 75 3.97 14.32 -5.36
CA GLU A 75 3.97 14.20 -6.81
C GLU A 75 5.35 13.76 -7.30
N HIS A 76 5.36 12.95 -8.35
CA HIS A 76 6.59 12.48 -8.95
C HIS A 76 6.48 12.82 -10.42
N ASN A 77 7.41 13.63 -10.93
CA ASN A 77 7.36 14.03 -12.33
C ASN A 77 5.97 14.51 -12.74
N LYS A 78 5.50 15.54 -12.04
CA LYS A 78 4.18 16.12 -12.30
C LYS A 78 3.04 15.12 -12.22
N THR A 79 3.24 14.01 -11.53
CA THR A 79 2.20 13.01 -11.41
C THR A 79 1.91 12.61 -9.95
N PRO A 80 0.67 12.80 -9.52
CA PRO A 80 0.25 12.46 -8.14
C PRO A 80 0.70 11.04 -7.77
N ILE A 81 1.21 10.88 -6.57
CA ILE A 81 1.65 9.57 -6.09
C ILE A 81 0.76 9.21 -4.89
N PRO A 82 0.27 7.96 -4.83
CA PRO A 82 -0.57 7.57 -3.70
C PRO A 82 0.37 7.27 -2.54
N TRP A 83 0.06 7.75 -1.34
CA TRP A 83 0.93 7.46 -0.20
C TRP A 83 0.55 6.14 0.46
N ASN A 84 -0.63 5.63 0.12
CA ASN A 84 -1.10 4.38 0.73
C ASN A 84 -0.54 3.08 0.14
N TYR A 85 0.75 3.10 -0.17
CA TYR A 85 1.46 1.94 -0.67
C TYR A 85 2.80 2.06 0.00
N PRO A 86 3.43 0.92 0.30
CA PRO A 86 4.74 0.96 0.95
C PRO A 86 5.70 1.78 0.07
N VAL A 87 6.61 2.51 0.71
CA VAL A 87 7.56 3.34 -0.02
C VAL A 87 8.36 2.48 -1.00
N GLY A 88 8.77 1.30 -0.55
CA GLY A 88 9.52 0.41 -1.40
C GLY A 88 8.73 0.03 -2.64
N VAL A 89 7.42 -0.20 -2.46
CA VAL A 89 6.56 -0.56 -3.57
C VAL A 89 6.42 0.58 -4.58
N LEU A 90 6.29 1.83 -4.09
CA LEU A 90 6.18 2.97 -4.98
C LEU A 90 7.50 3.14 -5.76
N PHE A 91 8.61 2.87 -5.07
CA PHE A 91 9.92 2.96 -5.69
C PHE A 91 10.07 1.98 -6.85
N ASP A 92 9.94 0.69 -6.55
CA ASP A 92 10.05 -0.35 -7.57
C ASP A 92 9.17 0.01 -8.75
N CYS A 93 8.02 0.59 -8.43
CA CYS A 93 7.02 1.01 -9.39
C CYS A 93 7.51 2.11 -10.34
N LEU A 94 8.39 2.98 -9.87
CA LEU A 94 8.90 4.06 -10.69
C LEU A 94 10.24 3.72 -11.36
N ALA A 95 11.12 3.06 -10.61
CA ALA A 95 12.41 2.66 -11.15
C ALA A 95 12.21 1.62 -12.25
N ASP A 111 29.15 8.50 -11.50
CA ASP A 111 28.65 7.50 -10.56
C ASP A 111 27.11 7.46 -10.60
N VAL A 112 26.57 6.27 -10.36
CA VAL A 112 25.12 6.07 -10.36
C VAL A 112 24.55 6.28 -8.96
N LEU A 113 23.64 7.24 -8.85
CA LEU A 113 23.00 7.54 -7.56
C LEU A 113 21.56 7.09 -7.61
N THR A 114 21.18 6.26 -6.64
CA THR A 114 19.81 5.77 -6.57
C THR A 114 19.06 6.58 -5.53
N PHE A 115 17.99 7.25 -5.95
CA PHE A 115 17.21 8.05 -5.02
C PHE A 115 15.79 8.31 -5.54
N LEU A 116 14.87 8.56 -4.62
CA LEU A 116 13.50 8.86 -4.98
C LEU A 116 13.30 10.38 -4.88
N ARG A 117 12.79 10.98 -5.95
CA ARG A 117 12.56 12.40 -6.01
C ARG A 117 11.06 12.68 -5.84
N ILE A 118 10.71 13.34 -4.74
CA ILE A 118 9.31 13.65 -4.43
C ILE A 118 9.09 15.16 -4.37
N HIS A 119 7.92 15.60 -4.84
CA HIS A 119 7.58 17.02 -4.83
C HIS A 119 6.29 17.24 -4.04
N LEU A 120 6.33 18.17 -3.08
CA LEU A 120 5.17 18.50 -2.25
C LEU A 120 4.34 19.54 -2.97
N VAL A 121 3.05 19.26 -3.14
CA VAL A 121 2.17 20.17 -3.87
C VAL A 121 0.87 20.50 -3.14
N MET A 122 0.33 21.67 -3.42
CA MET A 122 -0.93 22.10 -2.83
C MET A 122 -1.86 22.50 -3.96
N GLY A 123 -3.17 22.37 -3.72
CA GLY A 123 -4.15 22.74 -4.74
C GLY A 123 -5.55 22.77 -4.16
N ASP A 124 -6.51 23.17 -4.99
CA ASP A 124 -7.90 23.21 -4.54
C ASP A 124 -8.62 21.95 -4.96
N SER A 125 -8.29 21.46 -6.15
CA SER A 125 -8.90 20.24 -6.65
C SER A 125 -7.97 19.09 -6.29
N LEU A 126 -8.45 18.19 -5.44
CA LEU A 126 -7.65 17.05 -5.05
C LEU A 126 -7.60 16.08 -6.23
N PRO A 127 -6.41 15.70 -6.68
CA PRO A 127 -6.32 14.77 -7.81
C PRO A 127 -7.18 13.52 -7.60
N PRO A 128 -7.79 13.01 -8.68
CA PRO A 128 -8.66 11.81 -8.65
C PRO A 128 -7.94 10.59 -8.12
N THR A 129 -8.65 9.83 -7.28
CA THR A 129 -8.14 8.59 -6.68
C THR A 129 -7.02 8.80 -5.64
N ILE A 130 -6.66 10.07 -5.42
CA ILE A 130 -5.62 10.39 -4.44
C ILE A 130 -6.24 10.69 -3.08
N ILE A 131 -5.65 10.12 -2.04
CA ILE A 131 -6.11 10.35 -0.69
C ILE A 131 -5.25 11.49 -0.15
N PRO A 132 -5.88 12.54 0.41
CA PRO A 132 -5.18 13.71 0.96
C PRO A 132 -4.14 13.38 2.07
N ILE A 133 -3.22 14.31 2.32
CA ILE A 133 -2.20 14.07 3.34
C ILE A 133 -2.39 14.86 4.65
N ALA A 134 -1.74 16.02 4.77
CA ALA A 134 -1.84 16.84 5.98
C ALA A 134 -3.22 17.47 6.14
N LYS A 137 -8.77 13.16 8.12
CA LYS A 137 -9.13 12.84 6.74
C LYS A 137 -8.08 11.95 6.07
N THR A 138 -7.17 11.41 6.88
CA THR A 138 -6.11 10.54 6.38
C THR A 138 -5.43 9.85 7.56
N GLN A 139 -6.11 8.87 8.14
CA GLN A 139 -5.54 8.15 9.25
C GLN A 139 -4.72 7.01 8.67
N ALA A 140 -3.41 7.24 8.57
CA ALA A 140 -2.51 6.23 8.04
C ALA A 140 -2.60 4.95 8.87
N GLU A 141 -2.66 5.09 10.19
CA GLU A 141 -2.75 3.93 11.08
C GLU A 141 -4.06 3.17 10.87
N LYS A 142 -5.17 3.87 10.65
CA LYS A 142 -6.44 3.18 10.46
C LYS A 142 -6.40 2.38 9.15
N PHE A 143 -6.06 3.06 8.06
CA PHE A 143 -5.96 2.42 6.75
C PHE A 143 -5.08 1.16 6.85
N TRP A 144 -3.90 1.33 7.43
CA TRP A 144 -2.96 0.26 7.59
C TRP A 144 -3.56 -0.92 8.36
N PHE A 145 -4.19 -0.62 9.48
CA PHE A 145 -4.77 -1.67 10.30
C PHE A 145 -5.77 -2.49 9.49
N HIS A 146 -6.52 -1.80 8.63
CA HIS A 146 -7.51 -2.44 7.79
C HIS A 146 -6.87 -3.30 6.69
N GLN A 147 -5.68 -2.91 6.25
CA GLN A 147 -4.97 -3.69 5.23
C GLN A 147 -4.74 -5.07 5.83
N TRP A 148 -4.18 -5.07 7.04
CA TRP A 148 -3.92 -6.31 7.76
C TRP A 148 -5.19 -7.09 8.05
N LYS A 149 -6.30 -6.38 8.28
CA LYS A 149 -7.59 -7.03 8.48
C LYS A 149 -7.92 -7.79 7.22
N GLN A 150 -7.80 -7.11 6.10
CA GLN A 150 -8.14 -7.72 4.83
C GLN A 150 -7.22 -8.90 4.55
N VAL A 151 -5.94 -8.70 4.83
CA VAL A 151 -4.95 -9.75 4.59
C VAL A 151 -5.27 -10.96 5.47
N CYS A 152 -5.73 -10.70 6.68
CA CYS A 152 -6.04 -11.78 7.59
C CYS A 152 -7.19 -12.61 7.03
N PHE A 153 -8.22 -11.93 6.53
CA PHE A 153 -9.38 -12.60 5.96
C PHE A 153 -9.01 -13.45 4.73
N ILE A 154 -8.15 -12.91 3.86
CA ILE A 154 -7.73 -13.62 2.67
C ILE A 154 -6.93 -14.86 3.04
N LEU A 155 -6.19 -14.79 4.15
CA LEU A 155 -5.39 -15.93 4.57
C LEU A 155 -6.20 -16.95 5.33
N ASN A 156 -7.10 -16.49 6.19
CA ASN A 156 -7.88 -17.39 7.03
C ASN A 156 -9.37 -17.51 6.76
N GLY A 157 -9.92 -16.64 5.92
CA GLY A 157 -11.35 -16.71 5.66
C GLY A 157 -12.10 -15.99 6.75
N SER A 158 -11.36 -15.29 7.60
CA SER A 158 -11.95 -14.55 8.69
C SER A 158 -10.92 -13.57 9.22
N SER A 159 -11.38 -12.51 9.88
CA SER A 159 -10.45 -11.51 10.42
C SER A 159 -10.29 -11.66 11.93
N LYS A 160 -10.65 -12.83 12.46
CA LYS A 160 -10.55 -13.09 13.91
C LYS A 160 -9.15 -12.97 14.52
N ALA A 161 -8.13 -13.44 13.80
CA ALA A 161 -6.77 -13.40 14.34
C ALA A 161 -6.32 -11.98 14.68
N ILE A 162 -6.73 -11.01 13.88
CA ILE A 162 -6.32 -9.65 14.15
C ILE A 162 -7.31 -8.99 15.11
N MET A 163 -8.57 -9.42 15.07
CA MET A 163 -9.58 -8.85 15.96
C MET A 163 -9.43 -9.41 17.36
N SER A 164 -8.46 -10.32 17.54
CA SER A 164 -8.20 -10.93 18.84
C SER A 164 -7.01 -10.27 19.52
N LEU A 165 -6.30 -9.41 18.79
CA LEU A 165 -5.18 -8.71 19.38
C LEU A 165 -5.78 -7.78 20.42
N SER A 166 -5.09 -7.57 21.53
CA SER A 166 -5.61 -6.64 22.53
C SER A 166 -5.42 -5.26 21.91
N VAL A 167 -6.15 -4.27 22.40
CA VAL A 167 -6.01 -2.93 21.88
C VAL A 167 -4.56 -2.49 21.96
N ASN A 168 -3.86 -2.91 23.02
CA ASN A 168 -2.44 -2.60 23.22
C ASN A 168 -1.55 -3.17 22.12
N GLU A 169 -1.78 -4.43 21.74
CA GLU A 169 -0.98 -5.06 20.71
C GLU A 169 -1.18 -4.36 19.37
N ALA A 170 -2.42 -4.05 19.04
CA ALA A 170 -2.74 -3.37 17.79
C ALA A 170 -1.97 -2.06 17.72
N ARG A 171 -1.88 -1.42 18.88
CA ARG A 171 -1.18 -0.17 19.02
C ARG A 171 0.33 -0.33 18.99
N LYS A 172 0.82 -1.37 19.67
CA LYS A 172 2.25 -1.65 19.68
C LYS A 172 2.62 -1.99 18.23
N PHE A 173 1.69 -2.62 17.53
CA PHE A 173 1.89 -3.02 16.15
C PHE A 173 2.16 -1.82 15.22
N TRP A 174 1.30 -0.81 15.25
CA TRP A 174 1.53 0.37 14.41
C TRP A 174 2.78 1.09 14.87
N GLY A 175 2.92 1.20 16.19
CA GLY A 175 4.07 1.87 16.77
C GLY A 175 5.40 1.30 16.32
N SER A 176 5.45 0.01 16.02
CA SER A 176 6.70 -0.60 15.59
C SER A 176 7.15 -0.01 14.24
N VAL A 177 6.18 0.37 13.41
CA VAL A 177 6.49 0.94 12.11
C VAL A 177 7.12 2.32 12.28
N ILE A 178 6.57 3.11 13.20
CA ILE A 178 7.09 4.45 13.45
C ILE A 178 8.43 4.42 14.20
N THR A 179 8.46 3.66 15.29
CA THR A 179 9.68 3.56 16.07
C THR A 179 10.67 2.64 15.37
N ARG A 180 10.19 1.95 14.35
CA ARG A 180 11.04 1.05 13.59
C ARG A 180 11.57 -0.10 14.46
N ASN A 181 10.72 -0.57 15.39
CA ASN A 181 11.05 -1.69 16.29
C ASN A 181 10.80 -3.05 15.60
N PHE A 182 11.86 -3.72 15.18
CA PHE A 182 11.75 -5.01 14.49
C PHE A 182 11.12 -6.12 15.32
N GLN A 183 11.56 -6.27 16.56
CA GLN A 183 11.05 -7.32 17.43
C GLN A 183 9.53 -7.27 17.63
N ASP A 184 9.01 -6.08 17.85
CA ASP A 184 7.57 -5.92 18.05
C ASP A 184 6.81 -6.23 16.77
N PHE A 185 7.33 -5.74 15.65
CA PHE A 185 6.69 -5.96 14.37
C PHE A 185 6.63 -7.44 14.04
N ILE A 186 7.75 -8.13 14.22
CA ILE A 186 7.82 -9.56 13.93
C ILE A 186 6.88 -10.36 14.84
N GLU A 187 6.75 -9.93 16.09
CA GLU A 187 5.89 -10.66 17.01
C GLU A 187 4.42 -10.54 16.65
N ILE A 188 3.94 -9.33 16.42
CA ILE A 188 2.55 -9.15 16.07
C ILE A 188 2.25 -9.69 14.68
N SER A 189 3.01 -9.25 13.67
CA SER A 189 2.77 -9.70 12.30
C SER A 189 2.75 -11.23 12.19
N ASN A 190 3.43 -11.90 13.10
CA ASN A 190 3.45 -13.36 13.09
C ASN A 190 2.11 -13.94 13.54
N LYS A 191 1.44 -13.25 14.46
CA LYS A 191 0.15 -13.71 14.95
C LYS A 191 -0.88 -13.67 13.80
N ILE A 192 -0.44 -13.25 12.62
CA ILE A 192 -1.31 -13.16 11.45
C ILE A 192 -0.59 -13.80 10.26
N SER A 193 -0.74 -15.12 10.17
CA SER A 193 -0.12 -15.92 9.12
C SER A 193 -0.72 -17.30 9.16
N SER A 194 -0.39 -18.09 8.14
CA SER A 194 -0.91 -19.45 8.05
C SER A 194 0.03 -20.38 7.32
N SER A 195 0.16 -21.60 7.84
CA SER A 195 1.02 -22.57 7.19
C SER A 195 0.19 -23.21 6.09
N ARG A 196 -1.12 -22.95 6.11
CA ARG A 196 -2.06 -23.46 5.13
C ARG A 196 -3.10 -22.38 4.78
N PRO A 197 -2.67 -21.34 4.07
CA PRO A 197 -3.56 -20.24 3.68
C PRO A 197 -4.61 -20.64 2.67
N ARG A 198 -5.76 -19.96 2.72
CA ARG A 198 -6.84 -20.23 1.78
C ARG A 198 -6.53 -19.51 0.48
N HIS A 199 -5.93 -18.33 0.60
CA HIS A 199 -5.58 -17.52 -0.56
C HIS A 199 -4.30 -16.76 -0.28
N ILE A 200 -3.72 -16.19 -1.34
CA ILE A 200 -2.49 -15.40 -1.24
C ILE A 200 -2.79 -13.91 -1.42
N PRO A 201 -2.48 -13.08 -0.42
CA PRO A 201 -2.74 -11.64 -0.57
C PRO A 201 -1.71 -11.09 -1.56
N LEU A 202 -2.05 -11.13 -2.84
CA LEU A 202 -1.18 -10.69 -3.92
C LEU A 202 -1.71 -9.53 -4.78
N ILE A 203 -0.84 -8.54 -5.02
CA ILE A 203 -1.18 -7.38 -5.82
C ILE A 203 -0.10 -7.30 -6.90
N ILE A 204 -0.52 -7.04 -8.14
CA ILE A 204 0.42 -6.96 -9.25
C ILE A 204 0.33 -5.59 -9.91
N GLN A 205 1.48 -4.99 -10.21
CA GLN A 205 1.49 -3.67 -10.85
C GLN A 205 2.55 -3.54 -11.94
N THR A 206 2.42 -2.50 -12.76
CA THR A 206 3.39 -2.22 -13.81
C THR A 206 4.06 -0.90 -13.45
N SER A 207 4.90 -0.40 -14.34
CA SER A 207 5.60 0.86 -14.11
C SER A 207 4.71 2.10 -14.26
N ARG A 208 4.81 3.05 -13.32
CA ARG A 208 4.04 4.29 -13.38
C ARG A 208 4.84 5.26 -14.25
N THR A 209 6.15 5.06 -14.29
CA THR A 209 7.04 5.91 -15.07
C THR A 209 6.90 5.64 -16.56
N SER A 210 7.45 4.52 -17.01
CA SER A 210 7.40 4.15 -18.41
C SER A 210 6.11 3.44 -18.79
N GLY A 211 5.50 3.87 -19.89
CA GLY A 211 4.28 3.26 -20.36
C GLY A 211 3.02 3.61 -19.59
N THR A 212 2.01 2.76 -19.71
CA THR A 212 0.74 2.94 -19.03
C THR A 212 0.79 2.21 -17.70
N PHE A 213 -0.05 2.62 -16.75
CA PHE A 213 -0.07 1.98 -15.44
C PHE A 213 -1.32 1.15 -15.17
N ARG A 214 -1.11 -0.07 -14.70
CA ARG A 214 -2.19 -0.99 -14.37
C ARG A 214 -1.82 -1.68 -13.06
N ILE A 215 -2.84 -2.15 -12.34
CA ILE A 215 -2.62 -2.83 -11.06
C ILE A 215 -3.80 -3.75 -10.79
N SER A 216 -3.54 -4.92 -10.20
CA SER A 216 -4.63 -5.82 -9.89
C SER A 216 -4.41 -6.70 -8.68
N GLN A 217 -5.52 -7.19 -8.15
CA GLN A 217 -5.54 -8.08 -7.00
C GLN A 217 -6.27 -9.36 -7.39
N PRO A 218 -5.57 -10.25 -8.10
CA PRO A 218 -6.21 -11.50 -8.52
C PRO A 218 -6.55 -12.41 -7.33
N THR A 219 -7.59 -13.21 -7.48
CA THR A 219 -7.99 -14.14 -6.44
C THR A 219 -7.22 -15.43 -6.69
N ILE A 220 -6.32 -15.77 -5.78
CA ILE A 220 -5.51 -16.96 -5.96
C ILE A 220 -5.65 -17.98 -4.83
N SER A 221 -6.54 -18.96 -5.03
CA SER A 221 -6.78 -20.00 -4.04
C SER A 221 -5.53 -20.85 -3.83
N MET A 222 -5.33 -21.28 -2.60
CA MET A 222 -4.16 -22.07 -2.24
C MET A 222 -4.51 -23.44 -1.70
N THR A 223 -5.75 -23.58 -1.26
CA THR A 223 -6.24 -24.83 -0.70
C THR A 223 -5.88 -26.03 -1.57
N GLY A 224 -5.02 -26.89 -1.02
CA GLY A 224 -4.59 -28.10 -1.72
C GLY A 224 -3.69 -27.91 -2.92
N VAL A 225 -2.93 -26.83 -2.96
CA VAL A 225 -2.04 -26.58 -4.07
C VAL A 225 -0.79 -25.86 -3.58
N ASN A 226 0.22 -25.79 -4.44
CA ASN A 226 1.48 -25.16 -4.09
C ASN A 226 2.07 -24.55 -5.35
N PRO A 227 1.31 -23.65 -6.00
CA PRO A 227 1.71 -22.98 -7.24
C PRO A 227 2.98 -22.15 -7.19
N THR A 228 3.62 -22.00 -8.35
CA THR A 228 4.82 -21.20 -8.49
C THR A 228 4.34 -20.00 -9.27
N LEU A 229 5.18 -18.98 -9.41
CA LEU A 229 4.77 -17.81 -10.15
C LEU A 229 4.34 -18.26 -11.56
N LYS A 230 5.08 -19.20 -12.12
CA LYS A 230 4.78 -19.72 -13.45
C LYS A 230 3.38 -20.30 -13.46
N ASP A 231 3.09 -21.12 -12.46
CA ASP A 231 1.78 -21.76 -12.32
C ASP A 231 0.64 -20.76 -12.45
N ILE A 232 0.84 -19.56 -11.94
CA ILE A 232 -0.19 -18.53 -11.99
C ILE A 232 0.21 -17.33 -12.86
N GLU A 233 1.06 -17.57 -13.85
CA GLU A 233 1.50 -16.50 -14.75
C GLU A 233 0.27 -15.94 -15.47
N GLY A 234 -0.77 -16.75 -15.55
CA GLY A 234 -1.99 -16.32 -16.21
C GLY A 234 -2.56 -15.12 -15.51
N ASP A 235 -2.61 -15.16 -14.18
CA ASP A 235 -3.15 -14.06 -13.40
C ASP A 235 -2.18 -12.90 -13.32
N ILE A 236 -0.89 -13.21 -13.34
CA ILE A 236 0.15 -12.19 -13.25
C ILE A 236 0.27 -11.31 -14.48
N LEU A 237 0.36 -11.95 -15.65
CA LEU A 237 0.49 -11.24 -16.92
C LEU A 237 -0.79 -10.51 -17.31
N ASP A 238 -1.88 -10.82 -16.62
CA ASP A 238 -3.18 -10.20 -16.89
C ASP A 238 -3.19 -8.69 -16.59
N VAL A 239 -2.42 -8.28 -15.58
CA VAL A 239 -2.34 -6.87 -15.19
C VAL A 239 -2.20 -5.93 -16.39
N LYS A 240 -1.40 -6.34 -17.39
CA LYS A 240 -1.20 -5.52 -18.57
C LYS A 240 -1.40 -6.30 -19.86
N GLU A 241 -2.62 -6.20 -20.40
CA GLU A 241 -2.94 -6.86 -21.66
C GLU A 241 -3.02 -5.80 -22.76
N ASP A 247 8.18 -11.33 -22.92
CA ASP A 247 8.91 -11.69 -21.72
C ASP A 247 9.10 -10.53 -20.76
N VAL A 248 8.71 -10.75 -19.52
CA VAL A 248 8.80 -9.73 -18.48
C VAL A 248 9.58 -10.20 -17.26
N MET A 249 9.96 -9.26 -16.41
CA MET A 249 10.69 -9.59 -15.19
C MET A 249 9.83 -9.31 -13.94
N VAL A 250 9.81 -10.26 -13.03
CA VAL A 250 9.05 -10.13 -11.78
C VAL A 250 9.91 -9.50 -10.68
N ILE A 251 9.60 -8.26 -10.31
CA ILE A 251 10.31 -7.55 -9.26
C ILE A 251 9.48 -7.54 -7.97
N CYS A 252 10.07 -8.05 -6.90
CA CYS A 252 9.41 -8.09 -5.60
C CYS A 252 10.45 -7.62 -4.58
N GLN A 253 10.12 -6.59 -3.81
CA GLN A 253 11.02 -6.03 -2.81
C GLN A 253 12.32 -5.51 -3.42
N GLY A 254 12.20 -4.91 -4.60
CA GLY A 254 13.36 -4.37 -5.28
C GLY A 254 14.31 -5.38 -5.89
N ILE A 255 13.93 -6.65 -5.93
CA ILE A 255 14.82 -7.65 -6.50
C ILE A 255 14.12 -8.53 -7.50
N GLU A 256 14.92 -9.18 -8.34
CA GLU A 256 14.41 -10.08 -9.37
C GLU A 256 13.97 -11.37 -8.71
N ILE A 257 12.85 -11.93 -9.17
CA ILE A 257 12.36 -13.19 -8.61
C ILE A 257 12.27 -14.27 -9.69
N PRO A 258 12.80 -15.45 -9.39
CA PRO A 258 12.77 -16.57 -10.33
C PRO A 258 11.33 -17.05 -10.52
N TRP A 259 10.91 -17.26 -11.76
CA TRP A 259 9.55 -17.72 -12.01
C TRP A 259 9.27 -19.10 -11.44
N HIS A 260 10.32 -19.84 -11.05
CA HIS A 260 10.11 -21.17 -10.50
C HIS A 260 9.97 -21.14 -9.00
N MET A 261 9.84 -19.94 -8.45
CA MET A 261 9.70 -19.76 -7.02
C MET A 261 8.26 -20.04 -6.56
N LEU A 262 8.14 -20.66 -5.39
CA LEU A 262 6.84 -21.00 -4.82
C LEU A 262 6.11 -19.74 -4.33
N LEU A 263 4.88 -19.55 -4.78
CA LEU A 263 4.09 -18.38 -4.39
C LEU A 263 4.00 -18.25 -2.87
N TYR A 264 3.76 -19.36 -2.19
CA TYR A 264 3.65 -19.33 -0.75
C TYR A 264 4.91 -18.83 -0.08
N ASP A 265 6.07 -19.32 -0.50
CA ASP A 265 7.34 -18.87 0.09
C ASP A 265 7.59 -17.40 -0.17
N LEU A 266 7.29 -16.96 -1.39
CA LEU A 266 7.50 -15.57 -1.78
C LEU A 266 6.64 -14.68 -0.89
N TYR A 267 5.37 -15.06 -0.69
CA TYR A 267 4.48 -14.29 0.15
C TYR A 267 4.95 -14.25 1.60
N SER A 268 5.12 -15.43 2.20
CA SER A 268 5.52 -15.51 3.60
C SER A 268 6.88 -14.89 3.91
N LYS A 269 7.71 -14.73 2.89
CA LYS A 269 9.04 -14.15 3.10
C LYS A 269 9.19 -12.70 2.67
N LEU A 270 8.62 -12.33 1.52
CA LEU A 270 8.77 -10.98 1.01
C LEU A 270 7.57 -10.05 1.11
N ARG A 271 6.50 -10.47 1.78
CA ARG A 271 5.33 -9.59 1.89
C ARG A 271 5.73 -8.28 2.56
N SER A 272 5.05 -7.20 2.18
CA SER A 272 5.32 -5.87 2.73
C SER A 272 4.80 -5.67 4.14
N PHE A 273 5.09 -4.52 4.74
CA PHE A 273 4.69 -4.23 6.12
C PHE A 273 3.17 -4.03 6.30
N ASP A 274 2.43 -3.98 5.18
CA ASP A 274 0.98 -3.84 5.25
C ASP A 274 0.31 -5.21 5.07
N GLY A 275 1.13 -6.27 4.98
CA GLY A 275 0.60 -7.62 4.82
C GLY A 275 0.45 -8.16 3.39
N PHE A 276 0.50 -7.28 2.39
CA PHE A 276 0.34 -7.72 1.01
C PHE A 276 1.68 -8.01 0.33
N LEU A 277 1.64 -8.92 -0.64
CA LEU A 277 2.81 -9.26 -1.43
C LEU A 277 2.65 -8.44 -2.70
N TYR A 278 3.66 -7.67 -3.06
CA TYR A 278 3.55 -6.87 -4.27
C TYR A 278 4.54 -7.34 -5.32
N ILE A 279 4.05 -7.44 -6.56
CA ILE A 279 4.86 -7.86 -7.69
C ILE A 279 4.81 -6.73 -8.71
N THR A 280 5.98 -6.28 -9.15
CA THR A 280 6.07 -5.23 -10.12
C THR A 280 6.68 -5.82 -11.38
N LEU A 281 5.99 -5.70 -12.50
CA LEU A 281 6.48 -6.21 -13.78
C LEU A 281 7.25 -5.15 -14.54
N VAL A 282 8.41 -5.52 -15.08
CA VAL A 282 9.21 -4.59 -15.86
C VAL A 282 9.70 -5.27 -17.15
N PRO A 283 9.69 -4.52 -18.26
CA PRO A 283 10.12 -5.04 -19.56
C PRO A 283 11.57 -5.52 -19.50
N ILE A 284 11.81 -6.74 -19.97
CA ILE A 284 13.16 -7.30 -19.96
C ILE A 284 13.98 -6.63 -21.06
N ASP B 25 16.76 -22.86 1.91
CA ASP B 25 18.06 -23.59 1.88
C ASP B 25 19.02 -22.94 0.87
N SER B 26 18.60 -22.88 -0.38
CA SER B 26 19.43 -22.29 -1.44
C SER B 26 18.70 -21.11 -2.08
N MET B 27 17.37 -21.19 -2.13
CA MET B 27 16.57 -20.10 -2.69
C MET B 27 16.67 -18.92 -1.71
N ASP B 28 16.75 -19.25 -0.43
CA ASP B 28 16.87 -18.26 0.62
C ASP B 28 18.20 -17.53 0.51
N ASP B 29 19.23 -18.28 0.12
CA ASP B 29 20.57 -17.71 -0.04
C ASP B 29 20.56 -16.70 -1.18
N LEU B 30 19.83 -17.02 -2.24
CA LEU B 30 19.73 -16.14 -3.40
C LEU B 30 18.91 -14.91 -3.03
N LEU B 31 17.92 -15.10 -2.17
CA LEU B 31 17.06 -14.03 -1.70
C LEU B 31 17.92 -13.13 -0.82
N ILE B 32 18.54 -13.75 0.18
CA ILE B 32 19.41 -13.03 1.10
C ILE B 32 20.52 -12.26 0.39
N ARG B 33 21.02 -12.81 -0.70
CA ARG B 33 22.11 -12.15 -1.41
C ARG B 33 21.63 -10.98 -2.27
N ARG B 34 20.50 -11.16 -2.96
CA ARG B 34 19.98 -10.09 -3.80
C ARG B 34 19.52 -8.89 -2.96
N LEU B 35 18.90 -9.18 -1.82
CA LEU B 35 18.44 -8.12 -0.93
C LEU B 35 19.64 -7.38 -0.32
N THR B 36 20.68 -8.12 0.03
CA THR B 36 21.88 -7.54 0.61
C THR B 36 22.50 -6.55 -0.38
N ASP B 37 22.46 -6.91 -1.66
CA ASP B 37 22.98 -6.05 -2.71
C ASP B 37 22.08 -4.84 -2.81
N ARG B 38 20.78 -5.09 -2.75
CA ARG B 38 19.77 -4.05 -2.83
C ARG B 38 20.06 -2.99 -1.79
N ASN B 39 20.11 -3.42 -0.54
CA ASN B 39 20.37 -2.49 0.54
C ASN B 39 21.64 -1.68 0.32
N ASP B 40 22.70 -2.35 -0.12
CA ASP B 40 23.97 -1.67 -0.39
C ASP B 40 23.88 -0.72 -1.58
N LYS B 41 23.25 -1.14 -2.67
CA LYS B 41 23.13 -0.26 -3.83
C LYS B 41 22.25 0.95 -3.46
N GLU B 42 21.26 0.72 -2.62
CA GLU B 42 20.35 1.78 -2.22
C GLU B 42 20.91 2.66 -1.11
N ALA B 43 21.94 2.17 -0.43
CA ALA B 43 22.58 2.94 0.64
C ALA B 43 23.75 3.75 0.10
N HIS B 44 24.17 3.43 -1.13
CA HIS B 44 25.27 4.12 -1.75
C HIS B 44 25.03 5.64 -1.76
N LEU B 45 26.07 6.39 -1.40
CA LEU B 45 25.99 7.86 -1.36
C LEU B 45 24.91 8.36 -0.39
N ASN B 46 24.64 7.59 0.64
CA ASN B 46 23.65 7.97 1.64
C ASN B 46 24.16 9.16 2.44
N GLU B 47 25.44 9.49 2.26
CA GLU B 47 26.06 10.61 2.96
C GLU B 47 25.43 11.92 2.50
N LEU B 48 24.92 11.93 1.27
CA LEU B 48 24.30 13.11 0.69
C LEU B 48 22.89 13.29 1.20
N PHE B 49 22.38 12.28 1.90
CA PHE B 49 21.03 12.35 2.42
C PHE B 49 21.04 12.17 3.92
N ILE C 6 -19.45 -5.56 -20.11
CA ILE C 6 -19.59 -5.30 -18.64
C ILE C 6 -20.34 -6.41 -17.93
N GLN C 7 -19.62 -7.23 -17.18
CA GLN C 7 -20.25 -8.28 -16.40
C GLN C 7 -20.64 -7.57 -15.12
N LYS C 8 -21.90 -7.70 -14.70
CA LYS C 8 -22.32 -7.05 -13.47
C LYS C 8 -22.49 -8.09 -12.38
N ILE C 9 -22.13 -7.76 -11.15
CA ILE C 9 -22.32 -8.73 -10.08
C ILE C 9 -23.16 -8.15 -8.96
N GLN C 10 -23.61 -9.04 -8.08
CA GLN C 10 -24.47 -8.69 -6.96
C GLN C 10 -23.80 -8.21 -5.69
N ILE C 11 -24.22 -7.03 -5.23
CA ILE C 11 -23.72 -6.45 -3.99
C ILE C 11 -24.88 -6.40 -3.00
N LYS C 12 -24.61 -6.82 -1.78
CA LYS C 12 -25.60 -6.84 -0.73
C LYS C 12 -25.29 -5.78 0.31
N PHE C 13 -26.10 -4.73 0.35
CA PHE C 13 -25.90 -3.67 1.33
C PHE C 13 -26.62 -4.02 2.62
N GLN C 14 -25.83 -4.47 3.59
CA GLN C 14 -26.29 -4.90 4.89
C GLN C 14 -26.11 -3.84 5.95
N PRO C 15 -27.19 -3.14 6.32
CA PRO C 15 -27.04 -2.11 7.35
C PRO C 15 -26.64 -2.81 8.65
N ILE C 16 -25.88 -2.11 9.49
CA ILE C 16 -25.41 -2.64 10.77
C ILE C 16 -25.66 -1.56 11.85
N GLY C 17 -26.66 -1.77 12.71
CA GLY C 17 -26.97 -0.80 13.75
C GLY C 17 -28.08 0.17 13.38
N SER C 25 -31.79 -3.42 -1.25
CA SER C 25 -30.61 -3.71 -0.44
C SER C 25 -29.61 -4.57 -1.21
N VAL C 26 -30.07 -5.13 -2.33
CA VAL C 26 -29.22 -5.96 -3.19
C VAL C 26 -29.22 -5.26 -4.55
N CYS C 27 -28.04 -4.88 -5.02
CA CYS C 27 -27.95 -4.18 -6.30
C CYS C 27 -26.87 -4.75 -7.20
N LYS C 28 -27.02 -4.55 -8.50
CA LYS C 28 -26.03 -5.01 -9.46
C LYS C 28 -25.13 -3.83 -9.83
N ILE C 29 -23.83 -4.07 -9.82
CA ILE C 29 -22.87 -3.03 -10.16
C ILE C 29 -21.92 -3.65 -11.15
N SER C 30 -21.37 -2.84 -12.05
CA SER C 30 -20.44 -3.36 -13.04
C SER C 30 -19.12 -3.71 -12.36
N MET C 31 -18.55 -4.86 -12.74
CA MET C 31 -17.28 -5.33 -12.17
C MET C 31 -16.15 -4.33 -12.34
N SER C 32 -16.22 -3.55 -13.41
CA SER C 32 -15.20 -2.57 -13.75
C SER C 32 -15.05 -1.40 -12.76
N GLN C 33 -16.07 -1.15 -11.95
CA GLN C 33 -16.01 -0.05 -11.02
C GLN C 33 -15.21 -0.23 -9.74
N SER C 34 -14.81 0.89 -9.16
CA SER C 34 -14.02 0.91 -7.94
C SER C 34 -14.90 0.96 -6.69
N PHE C 35 -14.34 0.51 -5.56
CA PHE C 35 -15.09 0.52 -4.33
C PHE C 35 -15.54 1.94 -3.99
N ALA C 36 -14.72 2.93 -4.35
CA ALA C 36 -15.08 4.30 -4.07
C ALA C 36 -16.42 4.63 -4.71
N MET C 37 -16.66 4.10 -5.90
CA MET C 37 -17.91 4.34 -6.58
C MET C 37 -19.08 3.69 -5.86
N VAL C 38 -18.83 2.51 -5.28
CA VAL C 38 -19.85 1.78 -4.54
C VAL C 38 -20.22 2.58 -3.28
N ILE C 39 -19.23 3.14 -2.62
CA ILE C 39 -19.46 3.95 -1.44
C ILE C 39 -20.40 5.09 -1.85
N LEU C 40 -19.95 5.86 -2.84
CA LEU C 40 -20.70 7.00 -3.36
C LEU C 40 -22.13 6.64 -3.74
N PHE C 41 -22.29 5.45 -4.34
CA PHE C 41 -23.59 4.95 -4.75
C PHE C 41 -24.48 4.87 -3.52
N LEU C 42 -23.93 4.33 -2.44
CA LEU C 42 -24.65 4.20 -1.17
C LEU C 42 -24.94 5.55 -0.54
N LYS C 43 -23.94 6.41 -0.44
CA LYS C 43 -24.14 7.73 0.14
C LYS C 43 -25.28 8.45 -0.59
N ARG C 44 -25.32 8.31 -1.90
CA ARG C 44 -26.35 8.96 -2.70
C ARG C 44 -27.74 8.43 -2.39
N ARG C 45 -27.82 7.21 -1.86
CA ARG C 45 -29.12 6.65 -1.50
C ARG C 45 -29.57 7.08 -0.10
N LEU C 46 -28.61 7.08 0.84
CA LEU C 46 -28.87 7.45 2.22
C LEU C 46 -28.86 8.96 2.37
N LYS C 47 -28.18 9.62 1.44
CA LYS C 47 -28.06 11.07 1.46
C LYS C 47 -27.24 11.50 2.68
N MET C 48 -26.19 10.74 2.97
CA MET C 48 -25.29 11.01 4.10
C MET C 48 -23.82 11.10 3.67
N ASP C 49 -22.93 11.00 4.66
CA ASP C 49 -21.49 11.02 4.46
C ASP C 49 -20.91 10.20 5.58
N HIS C 50 -21.60 10.26 6.71
CA HIS C 50 -21.19 9.51 7.88
C HIS C 50 -21.58 8.06 7.63
N VAL C 51 -20.99 7.47 6.59
CA VAL C 51 -21.25 6.08 6.22
C VAL C 51 -19.94 5.38 5.90
N TYR C 52 -19.68 4.31 6.61
CA TYR C 52 -18.47 3.52 6.43
C TYR C 52 -18.85 2.13 5.96
N CYS C 53 -18.16 1.67 4.91
CA CYS C 53 -18.44 0.37 4.34
C CYS C 53 -17.36 -0.65 4.65
N TYR C 54 -17.79 -1.88 4.96
CA TYR C 54 -16.88 -2.98 5.27
C TYR C 54 -17.34 -4.26 4.61
N ILE C 55 -16.40 -5.03 4.06
CA ILE C 55 -16.73 -6.30 3.44
C ILE C 55 -16.96 -7.28 4.61
N ASN C 56 -17.99 -8.12 4.49
CA ASN C 56 -18.33 -9.10 5.51
C ASN C 56 -18.16 -8.55 6.93
N ASN C 57 -18.41 -7.25 7.10
CA ASN C 57 -18.31 -6.62 8.41
C ASN C 57 -16.97 -6.88 9.07
N SER C 58 -15.91 -6.99 8.26
CA SER C 58 -14.59 -7.27 8.83
C SER C 58 -13.51 -6.23 8.51
N PHE C 59 -13.55 -5.68 7.30
CA PHE C 59 -12.54 -4.71 6.93
C PHE C 59 -13.06 -3.76 5.85
N ALA C 60 -12.49 -2.57 5.84
CA ALA C 60 -12.85 -1.57 4.85
C ALA C 60 -11.81 -1.66 3.74
N PRO C 61 -12.26 -1.92 2.51
CA PRO C 61 -11.34 -2.01 1.38
C PRO C 61 -10.85 -0.62 1.03
N SER C 62 -9.69 -0.53 0.38
CA SER C 62 -9.18 0.75 -0.07
C SER C 62 -10.16 1.20 -1.16
N PRO C 63 -10.51 2.49 -1.19
CA PRO C 63 -11.43 3.02 -2.19
C PRO C 63 -11.00 2.73 -3.62
N GLN C 64 -9.71 2.50 -3.83
CA GLN C 64 -9.23 2.24 -5.18
C GLN C 64 -9.39 0.78 -5.63
N GLN C 65 -9.64 -0.13 -4.70
CA GLN C 65 -9.82 -1.53 -5.06
C GLN C 65 -10.98 -1.73 -6.05
N ASN C 66 -10.80 -2.69 -6.96
CA ASN C 66 -11.80 -3.02 -7.97
C ASN C 66 -12.87 -3.91 -7.36
N ILE C 67 -14.13 -3.51 -7.53
CA ILE C 67 -15.30 -4.24 -7.00
C ILE C 67 -15.37 -5.69 -7.55
N GLY C 68 -15.15 -5.82 -8.87
CA GLY C 68 -15.17 -7.13 -9.50
C GLY C 68 -14.20 -8.06 -8.77
N GLU C 69 -12.98 -7.55 -8.53
CA GLU C 69 -11.92 -8.29 -7.84
C GLU C 69 -12.30 -8.54 -6.38
N LEU C 70 -12.86 -7.55 -5.70
CA LEU C 70 -13.29 -7.72 -4.31
C LEU C 70 -14.35 -8.82 -4.31
N TRP C 71 -15.18 -8.81 -5.35
CA TRP C 71 -16.23 -9.79 -5.49
C TRP C 71 -15.65 -11.20 -5.60
N MET C 72 -14.76 -11.42 -6.57
CA MET C 72 -14.16 -12.73 -6.74
C MET C 72 -13.44 -13.22 -5.49
N GLN C 73 -12.93 -12.29 -4.69
CA GLN C 73 -12.19 -12.66 -3.50
C GLN C 73 -13.04 -12.95 -2.28
N PHE C 74 -14.04 -12.11 -2.02
CA PHE C 74 -14.85 -12.25 -0.82
C PHE C 74 -16.34 -12.50 -0.99
N LYS C 75 -16.79 -12.80 -2.21
CA LYS C 75 -18.21 -13.03 -2.41
C LYS C 75 -18.71 -14.23 -1.62
N THR C 76 -19.90 -14.09 -1.04
CA THR C 76 -20.56 -15.16 -0.30
C THR C 76 -21.74 -15.55 -1.19
N ASN C 77 -21.65 -16.70 -1.85
CA ASN C 77 -22.71 -17.18 -2.74
C ASN C 77 -23.14 -16.14 -3.77
N ASP C 78 -22.23 -15.75 -4.65
CA ASP C 78 -22.56 -14.77 -5.69
C ASP C 78 -22.79 -13.33 -5.22
N GLU C 79 -23.06 -13.15 -3.93
CA GLU C 79 -23.29 -11.80 -3.39
C GLU C 79 -22.06 -11.26 -2.63
N LEU C 80 -21.74 -10.00 -2.89
CA LEU C 80 -20.64 -9.34 -2.19
C LEU C 80 -21.31 -8.52 -1.12
N ILE C 81 -21.22 -8.99 0.12
CA ILE C 81 -21.83 -8.34 1.27
C ILE C 81 -21.03 -7.15 1.78
N VAL C 82 -21.61 -5.96 1.62
CA VAL C 82 -21.02 -4.71 2.04
C VAL C 82 -21.83 -4.15 3.23
N SER C 83 -21.24 -4.20 4.41
CA SER C 83 -21.87 -3.70 5.64
C SER C 83 -21.63 -2.21 5.70
N TYR C 84 -22.46 -1.49 6.42
CA TYR C 84 -22.26 -0.06 6.55
C TYR C 84 -22.92 0.50 7.80
N CYS C 85 -22.31 1.56 8.33
CA CYS C 85 -22.80 2.19 9.53
C CYS C 85 -22.42 3.64 9.48
N ALA C 86 -22.76 4.33 10.56
CA ALA C 86 -22.46 5.72 10.70
C ALA C 86 -21.61 5.81 11.97
N PHE C 90 -14.62 1.57 15.08
CA PHE C 90 -13.34 0.88 15.30
C PHE C 90 -13.35 -0.54 14.76
N GLY C 91 -12.22 -0.94 14.20
CA GLY C 91 -12.13 -2.26 13.63
C GLY C 91 -10.82 -2.41 12.88
#